data_6L63
#
_entry.id   6L63
#
_cell.length_a   68.260
_cell.length_b   105.520
_cell.length_c   123.540
_cell.angle_alpha   90.000
_cell.angle_beta   90.000
_cell.angle_gamma   90.000
#
_symmetry.space_group_name_H-M   'P 2 21 21'
#
loop_
_entity.id
_entity.type
_entity.pdbx_description
1 polymer 'Coagulation factor XII'
2 polymer F3
3 branched 2-acetamido-2-deoxy-beta-D-glucopyranose-(1-4)-2-acetamido-2-deoxy-beta-D-glucopyranose
4 branched 2-acetamido-2-deoxy-beta-D-glucopyranose-(1-4)-2-acetamido-2-deoxy-beta-D-glucopyranose-(1-4)-2-acetamido-2-deoxy-beta-D-glucopyranose
5 non-polymer 'ACETYL GROUP'
#
loop_
_entity_poly.entity_id
_entity_poly.type
_entity_poly.pdbx_seq_one_letter_code
_entity_poly.pdbx_strand_id
1 'polypeptide(L)'
;VVGGLVALRGAHPYIAALYWGHSFCAGSLIAPCWVLTAAHCLQDRPAPEDLTVVLGQERRNHSCEPCQTLAVRSYRLHEA
FSPVSYQHDLALLRLQEDADGSCALLSPYVQPVCLPSGAARPSETTLCQVAGWGHQFEGAEEYASFLQEAQVPFLSLERC
SAPDVHGSSILPGMLCAGFLEGGTDACQGDSGGPLVCEDQAAERRLTLQGIISWGSGCGDRNKPGVYTDVAYYLAWIREH
TVS
;
A,C
2 'polypeptide(L)' (DTY)FAYDRR(E6F)LSNN(E6F)RNY(DCY)G B,D
#
# COMPACT_ATOMS: atom_id res chain seq x y z
N VAL A 1 18.48 -7.97 4.05
CA VAL A 1 18.77 -7.84 5.48
C VAL A 1 18.80 -9.19 6.18
N VAL A 2 19.54 -9.24 7.27
CA VAL A 2 19.83 -10.46 8.02
C VAL A 2 19.22 -10.39 9.42
N GLY A 3 18.62 -11.47 9.88
CA GLY A 3 18.03 -11.39 11.20
C GLY A 3 16.71 -10.69 11.27
N GLY A 4 16.00 -10.58 10.16
CA GLY A 4 14.74 -9.87 10.16
C GLY A 4 13.52 -10.68 9.79
N LEU A 5 12.40 -10.00 9.61
CA LEU A 5 11.14 -10.65 9.26
C LEU A 5 10.51 -9.90 8.12
N VAL A 6 9.55 -10.58 7.47
CA VAL A 6 8.87 -9.98 6.33
C VAL A 6 8.17 -8.71 6.79
N ALA A 7 8.37 -7.65 6.02
CA ALA A 7 7.79 -6.35 6.29
C ALA A 7 6.35 -6.28 5.81
N LEU A 8 5.55 -5.50 6.52
CA LEU A 8 4.18 -5.34 6.12
C LEU A 8 4.16 -4.61 4.79
N ARG A 9 3.18 -4.97 3.96
CA ARG A 9 3.08 -4.40 2.62
C ARG A 9 3.14 -2.88 2.59
N GLY A 10 2.47 -2.23 3.53
CA GLY A 10 2.44 -0.79 3.65
C GLY A 10 3.45 -0.15 4.57
N ALA A 11 4.29 -0.94 5.24
CA ALA A 11 5.25 -0.42 6.21
C ALA A 11 6.33 0.50 5.64
N HIS A 12 6.76 0.34 4.38
CA HIS A 12 7.84 1.17 3.84
C HIS A 12 7.45 1.78 2.50
N PRO A 13 6.51 2.75 2.52
CA PRO A 13 6.04 3.38 1.26
C PRO A 13 7.14 4.11 0.52
N TYR A 14 8.05 4.74 1.27
CA TYR A 14 9.17 5.49 0.72
C TYR A 14 10.14 4.63 -0.09
N ILE A 15 10.37 3.37 0.29
CA ILE A 15 11.38 2.58 -0.42
C ILE A 15 11.08 2.44 -1.91
N ALA A 16 12.14 2.55 -2.72
CA ALA A 16 12.12 2.47 -4.17
C ALA A 16 13.13 1.47 -4.70
N ALA A 17 12.76 0.78 -5.77
CA ALA A 17 13.64 -0.19 -6.42
C ALA A 17 14.13 0.39 -7.74
N LEU A 18 15.39 0.16 -8.06
CA LEU A 18 16.06 0.76 -9.20
C LEU A 18 16.66 -0.37 -10.02
N TYR A 19 16.28 -0.46 -11.29
CA TYR A 19 16.69 -1.55 -12.16
C TYR A 19 17.29 -0.98 -13.43
N TRP A 20 18.39 -1.59 -13.88
CA TRP A 20 18.91 -1.20 -15.19
C TRP A 20 19.91 -2.24 -15.64
N GLY A 21 19.90 -2.56 -16.93
CA GLY A 21 20.77 -3.59 -17.47
C GLY A 21 20.71 -4.88 -16.67
N HIS A 22 21.81 -5.28 -16.06
CA HIS A 22 21.82 -6.45 -15.20
C HIS A 22 21.85 -6.11 -13.71
N SER A 23 21.74 -4.83 -13.38
CA SER A 23 21.99 -4.28 -12.06
C SER A 23 20.67 -3.96 -11.35
N PHE A 24 20.78 -3.82 -10.03
CA PHE A 24 19.71 -3.42 -9.13
C PHE A 24 20.24 -2.65 -7.93
N CYS A 25 19.40 -1.76 -7.40
CA CYS A 25 19.69 -1.01 -6.19
C CYS A 25 18.38 -0.57 -5.54
N ALA A 26 18.45 -0.12 -4.30
CA ALA A 26 17.29 0.47 -3.67
C ALA A 26 17.50 1.95 -3.42
N GLY A 27 16.45 2.61 -2.94
CA GLY A 27 16.54 4.02 -2.60
C GLY A 27 15.32 4.43 -1.79
N SER A 28 15.24 5.73 -1.50
CA SER A 28 14.13 6.26 -0.72
C SER A 28 13.54 7.45 -1.47
N LEU A 29 12.22 7.46 -1.62
CA LEU A 29 11.49 8.64 -2.10
C LEU A 29 11.52 9.74 -1.03
N ILE A 30 12.25 10.83 -1.29
CA ILE A 30 12.28 11.94 -0.34
C ILE A 30 11.46 13.13 -0.78
N ALA A 31 11.03 13.16 -2.03
CA ALA A 31 10.03 14.09 -2.53
C ALA A 31 9.35 13.42 -3.71
N PRO A 32 8.20 13.95 -4.15
CA PRO A 32 7.49 13.27 -5.24
C PRO A 32 8.32 13.03 -6.49
N CYS A 33 9.26 13.90 -6.83
CA CYS A 33 10.11 13.67 -8.01
C CYS A 33 11.56 13.27 -7.67
N TRP A 34 11.86 12.87 -6.44
CA TRP A 34 13.26 12.66 -6.06
C TRP A 34 13.45 11.39 -5.23
N VAL A 35 14.41 10.57 -5.67
CA VAL A 35 14.86 9.39 -4.92
C VAL A 35 16.28 9.61 -4.44
N LEU A 36 16.55 9.25 -3.21
CA LEU A 36 17.90 9.31 -2.64
C LEU A 36 18.44 7.88 -2.60
N THR A 37 19.59 7.67 -3.25
CA THR A 37 20.25 6.38 -3.20
C THR A 37 21.73 6.51 -2.82
N ALA A 38 22.49 5.42 -2.98
CA ALA A 38 23.94 5.41 -2.81
C ALA A 38 24.64 5.75 -4.13
N ALA A 39 25.68 6.59 -4.03
CA ALA A 39 26.50 6.90 -5.20
C ALA A 39 27.13 5.66 -5.81
N HIS A 40 27.57 4.71 -4.99
CA HIS A 40 28.26 3.57 -5.58
C HIS A 40 27.35 2.76 -6.49
N CYS A 41 26.03 2.87 -6.32
CA CYS A 41 25.10 2.21 -7.24
C CYS A 41 25.29 2.71 -8.67
N LEU A 42 25.48 4.02 -8.85
CA LEU A 42 25.55 4.62 -10.18
C LEU A 42 26.97 4.99 -10.55
N GLN A 43 27.94 4.42 -9.83
CA GLN A 43 29.36 4.61 -10.07
C GLN A 43 29.71 4.48 -11.55
N ASP A 44 29.19 3.43 -12.19
CA ASP A 44 29.52 3.14 -13.58
C ASP A 44 28.79 4.04 -14.58
N ARG A 45 27.96 5.00 -14.11
CA ARG A 45 27.29 6.03 -14.92
C ARG A 45 26.48 5.41 -16.04
N PRO A 46 25.45 4.64 -15.75
CA PRO A 46 24.54 4.22 -16.81
C PRO A 46 23.73 5.43 -17.29
N ALA A 47 23.20 5.29 -18.48
CA ALA A 47 22.45 6.39 -19.07
C ALA A 47 21.09 6.51 -18.40
N PRO A 48 20.67 7.72 -18.02
CA PRO A 48 19.33 7.92 -17.44
C PRO A 48 18.24 7.17 -18.19
N GLU A 49 18.33 7.18 -19.51
CA GLU A 49 17.34 6.50 -20.33
C GLU A 49 17.15 5.04 -19.95
N ASP A 50 18.22 4.35 -19.50
CA ASP A 50 18.16 2.94 -19.16
C ASP A 50 17.62 2.63 -17.76
N LEU A 51 17.45 3.62 -16.90
CA LEU A 51 17.03 3.38 -15.53
C LEU A 51 15.51 3.25 -15.40
N THR A 52 15.07 2.26 -14.61
CA THR A 52 13.67 2.11 -14.28
C THR A 52 13.53 2.15 -12.77
N VAL A 53 12.64 3.00 -12.25
CA VAL A 53 12.37 3.10 -10.82
C VAL A 53 10.97 2.57 -10.56
N VAL A 54 10.82 1.75 -9.53
CA VAL A 54 9.51 1.21 -9.16
C VAL A 54 9.22 1.52 -7.70
N LEU A 55 8.08 2.18 -7.47
CA LEU A 55 7.60 2.60 -6.17
C LEU A 55 6.42 1.71 -5.79
N GLY A 56 6.28 1.48 -4.49
CA GLY A 56 5.08 0.80 -4.00
C GLY A 56 5.19 -0.71 -4.14
N GLN A 57 6.41 -1.21 -4.29
CA GLN A 57 6.63 -2.61 -4.52
C GLN A 57 6.76 -3.34 -3.20
N GLU A 58 6.32 -4.59 -3.20
CA GLU A 58 6.53 -5.50 -2.08
C GLU A 58 7.43 -6.67 -2.42
N ARG A 59 7.24 -7.29 -3.58
CA ARG A 59 8.07 -8.40 -4.00
C ARG A 59 9.05 -7.90 -5.05
N ARG A 60 10.33 -8.18 -4.83
CA ARG A 60 11.38 -7.72 -5.74
C ARG A 60 11.06 -8.12 -7.18
N ASN A 61 11.01 -7.14 -8.08
CA ASN A 61 10.78 -7.35 -9.50
C ASN A 61 9.44 -7.98 -9.80
N HIS A 62 8.46 -7.76 -8.94
CA HIS A 62 7.13 -8.28 -9.16
C HIS A 62 6.14 -7.14 -9.39
N SER A 63 5.40 -7.23 -10.48
CA SER A 63 4.39 -6.23 -10.80
C SER A 63 3.28 -6.33 -9.78
N CYS A 64 2.66 -5.21 -9.47
CA CYS A 64 1.64 -5.24 -8.44
C CYS A 64 0.69 -4.09 -8.70
N GLU A 65 -0.48 -4.15 -8.05
CA GLU A 65 -1.50 -3.17 -8.39
C GLU A 65 -1.11 -1.76 -7.94
N PRO A 66 -0.62 -1.54 -6.70
CA PRO A 66 -0.20 -0.18 -6.31
C PRO A 66 1.11 0.21 -6.92
N CYS A 67 1.84 -0.73 -7.52
CA CYS A 67 3.17 -0.42 -8.03
C CYS A 67 3.04 0.70 -9.01
N GLN A 68 4.06 1.56 -9.04
CA GLN A 68 4.12 2.61 -10.03
C GLN A 68 5.54 2.67 -10.56
N THR A 69 5.65 2.62 -11.88
CA THR A 69 6.90 2.63 -12.60
C THR A 69 7.17 3.99 -13.20
N LEU A 70 8.44 4.36 -13.24
CA LEU A 70 8.84 5.69 -13.63
C LEU A 70 10.17 5.59 -14.35
N ALA A 71 10.38 6.47 -15.32
CA ALA A 71 11.69 6.60 -15.90
C ALA A 71 12.51 7.55 -15.06
N VAL A 72 13.81 7.55 -15.31
CA VAL A 72 14.71 8.43 -14.57
C VAL A 72 15.20 9.43 -15.58
N ARG A 73 14.94 10.67 -15.29
CA ARG A 73 15.33 11.73 -16.19
C ARG A 73 16.78 12.15 -15.98
N SER A 74 17.23 12.22 -14.73
CA SER A 74 18.67 12.46 -14.52
C SER A 74 19.06 12.01 -13.12
N TYR A 75 20.38 12.08 -12.87
CA TYR A 75 20.88 11.80 -11.54
C TYR A 75 22.20 12.51 -11.30
N ARG A 76 22.45 12.78 -10.04
CA ARG A 76 23.64 13.50 -9.61
C ARG A 76 24.33 12.66 -8.55
N LEU A 77 25.58 12.28 -8.81
CA LEU A 77 26.43 11.70 -7.78
C LEU A 77 27.09 12.82 -6.99
N HIS A 78 27.26 12.61 -5.70
CA HIS A 78 27.98 13.61 -4.93
C HIS A 78 29.37 13.82 -5.53
N GLU A 79 29.73 15.09 -5.72
CA GLU A 79 31.01 15.44 -6.35
C GLU A 79 32.24 14.91 -5.61
N ALA A 80 32.11 14.60 -4.33
CA ALA A 80 33.25 14.15 -3.54
C ALA A 80 33.20 12.67 -3.21
N PHE A 81 32.29 11.92 -3.81
CA PHE A 81 32.29 10.47 -3.66
C PHE A 81 33.66 9.89 -3.98
N SER A 82 34.11 8.95 -3.15
CA SER A 82 35.32 8.22 -3.48
C SER A 82 35.04 6.74 -3.64
N PRO A 83 35.30 6.17 -4.81
CA PRO A 83 35.14 4.72 -4.97
C PRO A 83 36.19 3.93 -4.23
N VAL A 84 37.09 4.57 -3.50
CA VAL A 84 38.13 3.89 -2.74
C VAL A 84 37.80 3.82 -1.25
N SER A 85 37.54 4.97 -0.63
CA SER A 85 37.11 5.04 0.76
C SER A 85 35.61 4.80 0.94
N TYR A 86 34.82 4.89 -0.14
CA TYR A 86 33.35 4.98 -0.12
C TYR A 86 32.80 6.12 0.74
N GLN A 87 33.61 7.15 0.98
CA GLN A 87 33.12 8.37 1.61
C GLN A 87 32.21 9.15 0.66
N HIS A 88 31.24 9.88 1.22
CA HIS A 88 30.32 10.73 0.43
C HIS A 88 29.47 9.89 -0.52
N ASP A 89 28.94 8.78 0.01
CA ASP A 89 28.29 7.77 -0.81
C ASP A 89 26.79 8.06 -0.91
N LEU A 90 26.42 9.08 -1.70
CA LEU A 90 24.99 9.32 -1.92
C LEU A 90 24.76 9.93 -3.31
N ALA A 91 23.54 9.77 -3.80
CA ALA A 91 23.17 10.26 -5.12
C ALA A 91 21.68 10.57 -5.18
N LEU A 92 21.33 11.54 -6.02
CA LEU A 92 19.94 11.95 -6.23
C LEU A 92 19.47 11.50 -7.61
N LEU A 93 18.28 10.93 -7.67
CA LEU A 93 17.63 10.57 -8.91
C LEU A 93 16.45 11.51 -9.12
N ARG A 94 16.48 12.26 -10.23
CA ARG A 94 15.34 13.06 -10.65
C ARG A 94 14.49 12.20 -11.57
N LEU A 95 13.29 11.88 -11.10
CA LEU A 95 12.34 11.07 -11.85
C LEU A 95 11.73 11.85 -13.01
N GLN A 96 11.33 11.11 -14.04
CA GLN A 96 10.69 11.67 -15.22
C GLN A 96 9.21 11.86 -14.93
N GLU A 97 8.73 13.07 -15.11
CA GLU A 97 7.33 13.42 -14.95
C GLU A 97 6.49 13.04 -16.15
N ASP A 98 5.20 12.82 -15.91
CA ASP A 98 4.23 12.50 -16.96
C ASP A 98 3.65 13.81 -17.52
N ALA A 99 2.62 13.69 -18.37
CA ALA A 99 2.08 14.86 -19.05
C ALA A 99 1.44 15.86 -18.11
N ASP A 100 0.86 15.40 -17.00
CA ASP A 100 0.33 16.31 -15.98
C ASP A 100 1.40 16.98 -15.15
N GLY A 101 2.68 16.70 -15.41
CA GLY A 101 3.75 17.24 -14.59
C GLY A 101 3.91 16.59 -13.24
N SER A 102 3.29 15.43 -13.03
CA SER A 102 3.41 14.67 -11.80
C SER A 102 4.42 13.54 -12.00
N CYS A 103 5.17 13.23 -10.95
CA CYS A 103 5.93 11.99 -10.95
C CYS A 103 5.22 10.96 -10.09
N ALA A 104 5.68 10.74 -8.87
CA ALA A 104 4.97 9.81 -8.01
C ALA A 104 3.57 10.33 -7.71
N LEU A 105 2.62 9.41 -7.76
CA LEU A 105 1.21 9.69 -7.48
C LEU A 105 1.01 9.15 -6.08
N LEU A 106 0.98 10.04 -5.10
CA LEU A 106 1.05 9.56 -3.74
C LEU A 106 -0.22 8.79 -3.40
N SER A 107 -0.07 7.82 -2.50
CA SER A 107 -1.18 6.99 -2.05
C SER A 107 -0.74 6.32 -0.76
N PRO A 108 -1.57 5.48 -0.12
CA PRO A 108 -1.10 4.84 1.11
C PRO A 108 0.14 3.99 0.91
N TYR A 109 0.43 3.59 -0.33
CA TYR A 109 1.55 2.74 -0.68
C TYR A 109 2.74 3.48 -1.29
N VAL A 110 2.60 4.77 -1.60
CA VAL A 110 3.67 5.55 -2.23
C VAL A 110 3.72 6.93 -1.57
N GLN A 111 4.74 7.17 -0.75
CA GLN A 111 4.84 8.43 -0.02
C GLN A 111 6.29 8.72 0.29
N PRO A 112 6.68 9.99 0.33
CA PRO A 112 8.08 10.32 0.65
C PRO A 112 8.35 10.08 2.12
N VAL A 113 9.61 9.85 2.43
CA VAL A 113 10.04 9.74 3.82
C VAL A 113 10.63 11.09 4.22
N CYS A 114 10.40 11.48 5.46
CA CYS A 114 10.97 12.73 5.95
C CYS A 114 12.48 12.69 6.06
N LEU A 115 13.12 13.78 5.65
CA LEU A 115 14.54 13.96 5.87
C LEU A 115 14.71 14.22 7.35
N PRO A 116 15.87 13.94 7.93
CA PRO A 116 15.98 14.12 9.38
C PRO A 116 15.92 15.57 9.84
N SER A 117 15.29 15.75 11.00
CA SER A 117 15.15 17.06 11.61
C SER A 117 16.48 17.63 12.03
N GLY A 118 17.35 16.78 12.57
CA GLY A 118 18.66 17.19 13.04
C GLY A 118 18.55 17.90 14.37
N LEU A 127 15.46 4.15 18.21
CA LEU A 127 15.90 2.91 17.58
C LEU A 127 15.31 2.81 16.17
N CYS A 128 15.99 2.06 15.30
CA CYS A 128 15.78 2.23 13.87
C CYS A 128 15.43 0.92 13.18
N GLN A 129 14.77 1.05 12.05
CA GLN A 129 14.41 -0.04 11.14
C GLN A 129 15.23 0.00 9.87
N VAL A 130 15.78 -1.11 9.46
CA VAL A 130 16.47 -1.20 8.18
C VAL A 130 15.65 -2.12 7.29
N ALA A 131 15.65 -1.84 5.98
CA ALA A 131 14.75 -2.58 5.09
C ALA A 131 15.42 -2.81 3.75
N GLY A 132 15.03 -3.90 3.10
CA GLY A 132 15.58 -4.22 1.80
C GLY A 132 15.17 -5.58 1.32
N TRP A 133 15.57 -5.88 0.08
CA TRP A 133 15.28 -7.15 -0.58
C TRP A 133 16.54 -7.99 -0.78
N GLY A 134 17.62 -7.65 -0.11
CA GLY A 134 18.86 -8.36 -0.32
C GLY A 134 18.94 -9.67 0.41
N HIS A 135 20.17 -10.16 0.50
CA HIS A 135 20.51 -11.46 1.06
C HIS A 135 20.14 -11.56 2.52
N GLN A 136 19.50 -12.67 2.88
CA GLN A 136 19.09 -12.90 4.27
C GLN A 136 20.18 -13.46 5.16
N PHE A 137 21.37 -13.72 4.59
CA PHE A 137 22.62 -14.15 5.25
C PHE A 137 23.71 -13.94 4.21
N GLU A 138 24.95 -13.88 4.67
CA GLU A 138 26.01 -13.61 3.71
C GLU A 138 26.36 -14.85 2.90
N GLY A 139 26.72 -14.63 1.63
CA GLY A 139 26.81 -15.71 0.68
C GLY A 139 25.52 -16.25 0.13
N ALA A 140 24.37 -15.73 0.54
CA ALA A 140 23.09 -16.19 0.00
C ALA A 140 23.06 -16.17 -1.53
N GLU A 141 22.34 -17.13 -2.07
CA GLU A 141 22.21 -17.34 -3.51
C GLU A 141 21.26 -16.34 -4.12
N GLU A 142 20.06 -16.16 -3.55
CA GLU A 142 19.11 -15.23 -4.15
C GLU A 142 18.77 -14.05 -3.23
N TYR A 143 18.07 -13.08 -3.83
CA TYR A 143 17.42 -11.99 -3.12
C TYR A 143 16.20 -12.44 -2.35
N ALA A 144 15.90 -11.75 -1.23
CA ALA A 144 14.62 -12.05 -0.59
C ALA A 144 13.56 -11.81 -1.65
N SER A 145 12.42 -12.44 -1.51
CA SER A 145 11.37 -12.01 -2.42
C SER A 145 10.50 -10.95 -1.80
N PHE A 146 10.00 -11.20 -0.61
CA PHE A 146 9.25 -10.23 0.13
C PHE A 146 10.22 -9.25 0.79
N LEU A 147 9.82 -8.00 0.91
CA LEU A 147 10.64 -6.99 1.58
C LEU A 147 10.89 -7.37 3.04
N GLN A 148 12.15 -7.32 3.46
CA GLN A 148 12.50 -7.56 4.86
C GLN A 148 12.74 -6.26 5.59
N GLU A 149 12.38 -6.24 6.87
CA GLU A 149 12.82 -5.17 7.75
C GLU A 149 13.26 -5.76 9.06
N ALA A 150 14.20 -5.09 9.72
CA ALA A 150 14.73 -5.55 11.00
C ALA A 150 15.06 -4.30 11.81
N GLN A 151 14.99 -4.41 13.13
CA GLN A 151 15.25 -3.26 13.98
C GLN A 151 16.71 -3.29 14.43
N VAL A 152 17.40 -2.15 14.34
CA VAL A 152 18.83 -2.01 14.65
C VAL A 152 19.07 -0.69 15.40
N PRO A 153 19.99 -0.72 16.37
CA PRO A 153 20.36 0.49 17.11
C PRO A 153 21.42 1.31 16.42
N PHE A 154 21.34 2.62 16.62
CA PHE A 154 22.40 3.55 16.23
C PHE A 154 23.68 3.27 17.05
N LEU A 155 24.82 3.58 16.48
CA LEU A 155 26.12 3.36 17.08
C LEU A 155 26.93 4.62 17.02
N SER A 156 27.41 5.06 18.18
CA SER A 156 28.14 6.31 18.26
C SER A 156 29.40 6.17 17.42
N LEU A 157 29.83 7.27 16.82
CA LEU A 157 30.98 7.22 15.96
C LEU A 157 32.21 6.79 16.75
N GLU A 158 32.36 7.24 18.00
CA GLU A 158 33.51 6.83 18.81
C GLU A 158 33.56 5.33 19.05
N ARG A 159 32.41 4.65 19.01
CA ARG A 159 32.41 3.21 19.25
C ARG A 159 32.46 2.38 17.98
N CYS A 160 32.03 2.95 16.87
CA CYS A 160 32.13 2.29 15.59
C CYS A 160 33.54 2.34 15.04
N SER A 161 34.18 3.48 15.23
CA SER A 161 35.57 3.77 14.93
C SER A 161 36.59 2.95 15.72
N ALA A 162 36.19 2.28 16.81
CA ALA A 162 37.20 1.68 17.64
C ALA A 162 37.91 0.54 16.90
N PRO A 163 39.17 0.26 17.27
CA PRO A 163 39.99 -0.61 16.42
C PRO A 163 39.52 -2.06 16.37
N ASP A 164 38.71 -2.51 17.32
CA ASP A 164 38.17 -3.86 17.25
C ASP A 164 36.97 -3.93 16.33
N VAL A 165 36.33 -2.78 16.09
CA VAL A 165 35.14 -2.62 15.26
C VAL A 165 35.50 -2.35 13.81
N HIS A 166 35.52 -1.06 13.39
CA HIS A 166 35.83 -0.72 12.01
C HIS A 166 37.04 0.20 11.83
N GLY A 167 37.50 0.87 12.88
CA GLY A 167 38.79 1.53 12.81
C GLY A 167 38.82 2.78 11.96
N SER A 168 39.97 2.98 11.30
CA SER A 168 40.26 4.10 10.42
C SER A 168 39.33 4.24 9.22
N SER A 169 38.56 3.19 8.90
CA SER A 169 37.66 3.23 7.77
C SER A 169 36.45 4.14 7.93
N ILE A 170 36.14 4.56 9.15
CA ILE A 170 34.94 5.35 9.38
C ILE A 170 35.36 6.79 9.19
N LEU A 171 34.76 7.44 8.18
CA LEU A 171 35.17 8.79 7.82
C LEU A 171 34.01 9.74 8.04
N PRO A 172 34.27 11.06 8.05
CA PRO A 172 33.17 12.03 8.02
C PRO A 172 32.17 11.75 6.92
N GLY A 173 30.89 11.80 7.30
CA GLY A 173 29.79 11.45 6.43
C GLY A 173 29.22 10.05 6.58
N MET A 174 29.85 9.15 7.32
CA MET A 174 29.34 7.81 7.56
C MET A 174 28.74 7.71 8.96
N LEU A 175 27.97 6.64 9.17
CA LEU A 175 27.30 6.40 10.44
C LEU A 175 27.11 4.89 10.52
N CYS A 176 27.03 4.35 11.74
CA CYS A 176 26.91 2.90 11.88
C CYS A 176 25.67 2.50 12.67
N ALA A 177 25.23 1.26 12.42
CA ALA A 177 24.06 0.73 13.13
C ALA A 177 24.16 -0.78 13.22
N GLY A 178 23.82 -1.30 14.39
CA GLY A 178 23.67 -2.71 14.61
C GLY A 178 24.23 -3.18 15.94
N PHE A 179 24.02 -4.46 16.27
CA PHE A 179 24.45 -5.03 17.55
C PHE A 179 25.92 -5.45 17.46
N LEU A 180 26.75 -4.89 18.34
CA LEU A 180 28.11 -5.38 18.51
C LEU A 180 28.19 -6.88 18.74
N GLU A 181 27.17 -7.46 19.36
CA GLU A 181 27.06 -8.90 19.48
C GLU A 181 26.84 -9.56 18.12
N GLY A 182 26.40 -8.79 17.12
CA GLY A 182 26.07 -9.24 15.77
C GLY A 182 24.61 -9.60 15.61
N GLY A 183 24.31 -10.18 14.44
CA GLY A 183 22.99 -10.68 14.04
C GLY A 183 21.99 -9.92 13.16
N THR A 184 21.76 -8.59 13.27
CA THR A 184 20.76 -7.93 12.41
C THR A 184 21.46 -6.83 11.64
N ASP A 185 21.38 -6.88 10.31
CA ASP A 185 22.14 -6.04 9.38
C ASP A 185 21.59 -6.21 7.97
N ALA A 186 21.90 -5.24 7.14
CA ALA A 186 21.82 -5.29 5.69
C ALA A 186 22.98 -6.04 5.04
N CYS A 187 22.77 -6.49 3.81
CA CYS A 187 23.67 -7.30 2.97
C CYS A 187 23.65 -6.87 1.53
N GLN A 188 24.50 -7.57 0.76
CA GLN A 188 24.54 -7.43 -0.68
C GLN A 188 23.12 -7.49 -1.22
N GLY A 189 22.84 -6.55 -2.11
CA GLY A 189 21.53 -6.36 -2.67
C GLY A 189 20.71 -5.34 -1.91
N ASP A 190 21.23 -4.82 -0.79
CA ASP A 190 20.51 -3.82 -0.03
C ASP A 190 21.04 -2.39 -0.23
N SER A 191 21.99 -2.17 -1.15
CA SER A 191 22.57 -0.84 -1.33
C SER A 191 21.53 0.19 -1.75
N GLY A 192 21.64 1.37 -1.15
CA GLY A 192 20.75 2.49 -1.37
C GLY A 192 19.52 2.39 -0.52
N GLY A 193 19.46 1.37 0.30
CA GLY A 193 18.39 1.07 1.19
C GLY A 193 18.28 2.06 2.32
N PRO A 194 17.07 2.24 2.82
CA PRO A 194 16.83 3.18 3.91
C PRO A 194 16.98 2.70 5.34
N LEU A 195 17.64 3.52 6.15
CA LEU A 195 17.77 3.29 7.59
C LEU A 195 16.84 4.37 8.11
N VAL A 196 15.78 3.94 8.77
CA VAL A 196 14.72 4.81 9.28
C VAL A 196 14.63 4.83 10.79
N CYS A 197 14.64 6.02 11.37
CA CYS A 197 14.76 6.14 12.82
C CYS A 197 13.62 7.05 13.25
N GLU A 198 13.68 7.52 14.50
CA GLU A 198 12.67 8.44 15.04
C GLU A 198 13.23 9.86 15.23
N LEU A 206 8.84 9.20 11.78
CA LEU A 206 9.81 8.36 11.09
C LEU A 206 10.62 9.10 10.05
N THR A 207 11.96 9.12 10.18
CA THR A 207 12.74 9.83 9.18
C THR A 207 13.94 9.02 8.72
N LEU A 208 14.38 9.31 7.50
CA LEU A 208 15.56 8.73 6.87
C LEU A 208 16.85 9.25 7.47
N GLN A 209 17.60 8.41 8.16
CA GLN A 209 18.83 8.88 8.76
C GLN A 209 20.06 8.20 8.19
N GLY A 210 19.91 7.09 7.48
CA GLY A 210 21.05 6.47 6.83
C GLY A 210 20.66 5.92 5.47
N ILE A 211 21.68 5.78 4.63
CA ILE A 211 21.59 5.07 3.37
C ILE A 211 22.51 3.85 3.43
N ILE A 212 21.96 2.68 3.10
CA ILE A 212 22.75 1.47 3.15
C ILE A 212 23.92 1.58 2.19
N SER A 213 25.14 1.49 2.75
CA SER A 213 26.35 1.69 1.95
C SER A 213 27.24 0.44 1.93
N TRP A 214 27.85 0.05 3.06
CA TRP A 214 28.77 -1.09 3.08
C TRP A 214 28.94 -1.62 4.49
N GLY A 215 29.64 -2.73 4.60
CA GLY A 215 30.03 -3.26 5.89
C GLY A 215 31.08 -4.32 5.67
N SER A 216 31.24 -5.22 6.63
CA SER A 216 32.18 -6.33 6.40
C SER A 216 31.43 -7.55 6.91
N GLY A 217 30.71 -8.18 6.01
CA GLY A 217 30.09 -9.42 6.31
C GLY A 217 28.84 -9.08 7.11
N CYS A 218 27.71 -9.57 6.61
CA CYS A 218 26.39 -9.28 7.13
C CYS A 218 26.19 -9.60 8.61
N GLY A 219 26.23 -8.60 9.48
CA GLY A 219 25.82 -8.84 10.85
C GLY A 219 26.78 -9.59 11.73
N ASP A 220 28.06 -9.71 11.32
CA ASP A 220 29.07 -10.42 12.07
C ASP A 220 29.26 -9.77 13.43
N ARG A 221 29.86 -10.49 14.36
CA ARG A 221 30.10 -9.92 15.68
C ARG A 221 31.10 -8.80 15.50
N ASN A 222 30.87 -7.72 16.24
CA ASN A 222 31.75 -6.56 16.31
C ASN A 222 31.81 -5.78 14.99
N LYS A 223 30.91 -6.04 14.04
CA LYS A 223 30.94 -5.42 12.71
C LYS A 223 29.54 -4.89 12.41
N PRO A 224 29.20 -3.70 12.91
CA PRO A 224 27.94 -3.06 12.54
C PRO A 224 27.95 -2.65 11.08
N GLY A 225 26.76 -2.44 10.52
CA GLY A 225 26.70 -1.92 9.17
C GLY A 225 27.08 -0.46 9.11
N VAL A 226 27.65 -0.05 7.97
CA VAL A 226 28.04 1.32 7.68
C VAL A 226 27.10 1.92 6.65
N TYR A 227 26.61 3.12 6.94
CA TYR A 227 25.60 3.83 6.17
C TYR A 227 26.12 5.23 5.86
N THR A 228 25.62 5.83 4.76
CA THR A 228 25.81 7.26 4.58
C THR A 228 24.90 8.01 5.55
N ASP A 229 25.47 8.96 6.30
CA ASP A 229 24.75 9.73 7.33
C ASP A 229 23.98 10.87 6.67
N VAL A 230 22.67 10.70 6.52
CA VAL A 230 21.88 11.62 5.70
C VAL A 230 21.85 13.02 6.30
N ALA A 231 21.74 13.13 7.63
CA ALA A 231 21.78 14.46 8.25
C ALA A 231 23.06 15.24 7.93
N TYR A 232 24.18 14.54 7.76
CA TYR A 232 25.44 15.21 7.42
C TYR A 232 25.34 15.92 6.09
N TYR A 233 24.41 15.51 5.23
CA TYR A 233 24.37 16.01 3.87
C TYR A 233 23.11 16.83 3.61
N LEU A 234 22.43 17.31 4.67
CA LEU A 234 21.18 18.02 4.45
C LEU A 234 21.37 19.17 3.48
N ALA A 235 22.41 19.98 3.69
CA ALA A 235 22.57 21.15 2.83
C ALA A 235 22.76 20.75 1.37
N TRP A 236 23.55 19.70 1.12
CA TRP A 236 23.75 19.27 -0.26
C TRP A 236 22.43 18.80 -0.82
N ILE A 237 21.67 18.08 -0.02
CA ILE A 237 20.39 17.55 -0.48
C ILE A 237 19.43 18.69 -0.76
N ARG A 238 19.30 19.67 0.15
CA ARG A 238 18.46 20.83 -0.18
C ARG A 238 18.94 21.52 -1.44
N GLU A 239 20.24 21.74 -1.58
CA GLU A 239 20.71 22.51 -2.71
C GLU A 239 20.44 21.81 -4.02
N HIS A 240 20.65 20.51 -4.10
CA HIS A 240 20.46 19.81 -5.36
C HIS A 240 19.09 19.17 -5.51
N THR A 241 18.13 19.53 -4.66
CA THR A 241 16.76 19.01 -4.72
C THR A 241 15.72 20.04 -5.13
N VAL A 242 16.03 21.33 -5.11
CA VAL A 242 15.23 22.26 -5.88
C VAL A 242 15.25 21.85 -7.34
N SER A 243 14.08 21.91 -7.98
CA SER A 243 13.83 21.40 -9.33
C SER A 243 13.93 19.88 -9.40
N PHE B 2 37.43 -8.13 5.86
CA PHE B 2 37.25 -7.75 4.46
C PHE B 2 35.93 -7.01 4.39
N ALA B 3 35.80 -6.00 3.53
CA ALA B 3 34.56 -5.21 3.51
C ALA B 3 34.06 -5.03 2.08
N TYR B 4 32.79 -5.32 1.86
CA TYR B 4 32.18 -5.19 0.54
C TYR B 4 30.96 -4.29 0.65
N ASP B 5 30.35 -3.94 -0.50
CA ASP B 5 29.50 -2.75 -0.63
C ASP B 5 28.02 -3.06 -0.86
N ARG B 6 27.51 -4.14 -0.30
CA ARG B 6 26.06 -4.39 -0.17
C ARG B 6 25.32 -4.36 -1.52
N ARG B 7 25.98 -4.63 -2.63
CA ARG B 7 25.37 -4.52 -3.95
C ARG B 7 25.41 -5.93 -4.56
N LEU B 9 26.40 -7.00 -8.16
CA LEU B 9 27.74 -6.56 -8.50
C LEU B 9 28.37 -5.78 -7.35
N SER B 10 29.15 -6.47 -6.52
CA SER B 10 29.69 -5.91 -5.29
C SER B 10 31.20 -5.75 -5.42
N ASN B 11 31.70 -4.60 -4.97
CA ASN B 11 33.11 -4.22 -4.99
C ASN B 11 33.64 -4.11 -3.56
N ASN B 12 34.96 -4.25 -3.44
CA ASN B 12 35.63 -4.28 -2.15
C ASN B 12 35.77 -2.88 -1.55
N ARG B 14 38.48 -0.91 -0.09
CA ARG B 14 39.84 -1.26 -0.51
C ARG B 14 40.78 -1.40 0.67
N ASN B 15 41.01 -0.32 1.41
CA ASN B 15 41.98 -0.34 2.51
C ASN B 15 41.36 -0.76 3.84
N TYR B 16 40.38 -1.66 3.82
CA TYR B 16 39.77 -2.16 5.05
C TYR B 16 40.38 -3.53 5.32
N GLY B 18 43.65 -4.65 5.82
CA GLY B 18 44.74 -4.93 4.91
C GLY B 18 45.23 -3.71 4.15
N VAL C 1 -25.80 -4.37 8.43
CA VAL C 1 -24.83 -4.10 9.46
C VAL C 1 -25.37 -4.40 10.85
N VAL C 2 -24.46 -4.72 11.76
CA VAL C 2 -24.75 -5.17 13.11
C VAL C 2 -24.27 -4.16 14.13
N GLY C 3 -25.06 -3.90 15.17
CA GLY C 3 -24.57 -2.95 16.13
C GLY C 3 -24.70 -1.52 15.72
N GLY C 4 -25.62 -1.22 14.79
CA GLY C 4 -25.79 0.14 14.32
C GLY C 4 -27.14 0.75 14.55
N LEU C 5 -27.36 1.93 13.95
CA LEU C 5 -28.61 2.66 14.09
C LEU C 5 -29.05 3.11 12.71
N VAL C 6 -30.35 3.45 12.62
CA VAL C 6 -30.90 3.88 11.35
C VAL C 6 -30.15 5.11 10.88
N ALA C 7 -29.74 5.11 9.63
CA ALA C 7 -29.01 6.22 9.04
C ALA C 7 -29.95 7.33 8.61
N LEU C 8 -29.45 8.56 8.66
CA LEU C 8 -30.27 9.67 8.23
C LEU C 8 -30.49 9.53 6.73
N ARG C 9 -31.66 9.95 6.27
CA ARG C 9 -32.01 9.81 4.87
C ARG C 9 -30.98 10.36 3.90
N GLY C 10 -30.40 11.49 4.21
CA GLY C 10 -29.38 12.10 3.40
C GLY C 10 -27.94 11.78 3.74
N ALA C 11 -27.70 10.99 4.78
CA ALA C 11 -26.35 10.69 5.23
C ALA C 11 -25.49 9.95 4.21
N HIS C 12 -26.06 9.12 3.35
CA HIS C 12 -25.25 8.33 2.43
C HIS C 12 -25.76 8.47 1.00
N PRO C 13 -25.56 9.66 0.40
CA PRO C 13 -26.01 9.91 -0.98
C PRO C 13 -25.34 9.02 -2.01
N TYR C 14 -24.06 8.73 -1.80
CA TYR C 14 -23.28 7.87 -2.71
C TYR C 14 -23.81 6.43 -2.79
N ILE C 15 -24.35 5.86 -1.71
CA ILE C 15 -24.75 4.45 -1.76
C ILE C 15 -25.78 4.15 -2.85
N ALA C 16 -25.58 3.01 -3.52
CA ALA C 16 -26.42 2.55 -4.61
C ALA C 16 -26.87 1.13 -4.38
N ALA C 17 -28.10 0.81 -4.79
CA ALA C 17 -28.65 -0.53 -4.67
C ALA C 17 -28.71 -1.17 -6.06
N LEU C 18 -28.40 -2.45 -6.14
CA LEU C 18 -28.26 -3.17 -7.40
C LEU C 18 -29.16 -4.40 -7.31
N TYR C 19 -30.09 -4.52 -8.26
CA TYR C 19 -31.09 -5.57 -8.25
C TYR C 19 -31.09 -6.30 -9.58
N TRP C 20 -31.18 -7.62 -9.55
CA TRP C 20 -31.35 -8.34 -10.80
C TRP C 20 -31.78 -9.75 -10.48
N GLY C 21 -32.69 -10.29 -11.29
CA GLY C 21 -33.22 -11.62 -11.06
C GLY C 21 -33.69 -11.81 -9.64
N HIS C 22 -33.07 -12.72 -8.90
CA HIS C 22 -33.40 -12.92 -7.48
C HIS C 22 -32.35 -12.33 -6.54
N SER C 23 -31.36 -11.62 -7.08
CA SER C 23 -30.14 -11.19 -6.41
C SER C 23 -30.23 -9.69 -6.08
N PHE C 24 -29.38 -9.28 -5.13
CA PHE C 24 -29.19 -7.91 -4.70
C PHE C 24 -27.76 -7.66 -4.23
N CYS C 25 -27.30 -6.43 -4.38
CA CYS C 25 -25.99 -5.99 -3.89
C CYS C 25 -26.02 -4.48 -3.68
N ALA C 26 -25.01 -3.95 -2.99
CA ALA C 26 -24.86 -2.51 -2.89
C ALA C 26 -23.62 -2.04 -3.63
N GLY C 27 -23.47 -0.73 -3.69
CA GLY C 27 -22.29 -0.17 -4.30
C GLY C 27 -22.19 1.29 -3.94
N SER C 28 -21.20 1.97 -4.51
CA SER C 28 -21.00 3.39 -4.23
C SER C 28 -20.90 4.12 -5.57
N LEU C 29 -21.65 5.22 -5.73
CA LEU C 29 -21.47 6.14 -6.85
C LEU C 29 -20.16 6.89 -6.69
N ILE C 30 -19.18 6.62 -7.56
CA ILE C 30 -17.91 7.35 -7.50
C ILE C 30 -17.75 8.37 -8.61
N ALA C 31 -18.62 8.35 -9.61
CA ALA C 31 -18.77 9.40 -10.59
C ALA C 31 -20.19 9.34 -11.12
N PRO C 32 -20.66 10.39 -11.81
CA PRO C 32 -22.05 10.39 -12.25
C PRO C 32 -22.46 9.19 -13.07
N CYS C 33 -21.56 8.60 -13.86
CA CYS C 33 -21.91 7.41 -14.62
C CYS C 33 -21.28 6.11 -14.09
N TRP C 34 -20.74 6.08 -12.86
CA TRP C 34 -19.97 4.91 -12.43
C TRP C 34 -20.26 4.51 -10.99
N VAL C 35 -20.58 3.22 -10.81
CA VAL C 35 -20.74 2.61 -9.48
C VAL C 35 -19.61 1.63 -9.24
N LEU C 36 -19.04 1.66 -8.03
CA LEU C 36 -18.03 0.71 -7.62
C LEU C 36 -18.67 -0.28 -6.66
N THR C 37 -18.57 -1.56 -7.03
CA THR C 37 -19.10 -2.63 -6.17
C THR C 37 -18.08 -3.74 -5.92
N ALA C 38 -18.52 -4.85 -5.35
CA ALA C 38 -17.69 -6.04 -5.21
C ALA C 38 -17.82 -6.94 -6.42
N ALA C 39 -16.68 -7.46 -6.88
CA ALA C 39 -16.69 -8.42 -7.98
C ALA C 39 -17.54 -9.65 -7.67
N HIS C 40 -17.50 -10.14 -6.43
CA HIS C 40 -18.22 -11.38 -6.15
C HIS C 40 -19.73 -11.22 -6.36
N CYS C 41 -20.24 -9.99 -6.33
CA CYS C 41 -21.64 -9.74 -6.64
C CYS C 41 -21.96 -10.18 -8.07
N LEU C 42 -21.06 -9.89 -9.00
CA LEU C 42 -21.31 -10.14 -10.42
C LEU C 42 -20.55 -11.34 -10.92
N GLN C 43 -20.07 -12.17 -9.99
CA GLN C 43 -19.35 -13.42 -10.29
C GLN C 43 -20.03 -14.26 -11.35
N ASP C 44 -21.34 -14.42 -11.22
CA ASP C 44 -22.12 -15.27 -12.11
C ASP C 44 -22.41 -14.64 -13.46
N ARG C 45 -21.91 -13.42 -13.71
CA ARG C 45 -22.00 -12.76 -15.01
C ARG C 45 -23.43 -12.63 -15.50
N PRO C 46 -24.31 -11.92 -14.81
CA PRO C 46 -25.62 -11.61 -15.40
C PRO C 46 -25.47 -10.63 -16.54
N ALA C 47 -26.48 -10.59 -17.39
CA ALA C 47 -26.43 -9.71 -18.54
C ALA C 47 -26.68 -8.26 -18.11
N PRO C 48 -25.88 -7.32 -18.57
CA PRO C 48 -26.12 -5.90 -18.25
C PRO C 48 -27.57 -5.51 -18.36
N GLU C 49 -28.23 -6.02 -19.40
CA GLU C 49 -29.64 -5.71 -19.65
C GLU C 49 -30.52 -6.00 -18.44
N ASP C 50 -30.18 -7.03 -17.65
CA ASP C 50 -30.98 -7.43 -16.48
C ASP C 50 -30.71 -6.62 -15.22
N LEU C 51 -29.69 -5.78 -15.19
CA LEU C 51 -29.34 -5.03 -13.99
C LEU C 51 -30.14 -3.74 -13.83
N THR C 52 -30.60 -3.49 -12.60
CA THR C 52 -31.24 -2.22 -12.27
C THR C 52 -30.48 -1.60 -11.10
N VAL C 53 -30.08 -0.33 -11.24
CA VAL C 53 -29.38 0.41 -10.20
C VAL C 53 -30.31 1.51 -9.68
N VAL C 54 -30.40 1.65 -8.36
CA VAL C 54 -31.23 2.66 -7.75
C VAL C 54 -30.39 3.52 -6.81
N LEU C 55 -30.41 4.82 -7.06
CA LEU C 55 -29.70 5.85 -6.31
C LEU C 55 -30.70 6.63 -5.48
N GLY C 56 -30.26 7.10 -4.31
CA GLY C 56 -31.07 8.00 -3.54
C GLY C 56 -32.09 7.26 -2.71
N GLN C 57 -31.89 5.97 -2.50
CA GLN C 57 -32.84 5.15 -1.77
C GLN C 57 -32.58 5.19 -0.28
N GLU C 58 -33.65 5.06 0.51
CA GLU C 58 -33.54 4.90 1.95
C GLU C 58 -34.05 3.55 2.42
N ARG C 59 -35.19 3.08 1.93
CA ARG C 59 -35.72 1.77 2.32
C ARG C 59 -35.44 0.80 1.19
N ARG C 60 -34.85 -0.34 1.53
CA ARG C 60 -34.49 -1.35 0.54
C ARG C 60 -35.69 -1.72 -0.33
N ASN C 61 -35.52 -1.58 -1.64
CA ASN C 61 -36.53 -1.91 -2.66
C ASN C 61 -37.82 -1.10 -2.53
N HIS C 62 -37.72 0.11 -2.00
CA HIS C 62 -38.88 0.98 -1.88
C HIS C 62 -38.71 2.19 -2.79
N SER C 63 -39.73 2.44 -3.60
CA SER C 63 -39.74 3.61 -4.48
C SER C 63 -39.86 4.85 -3.62
N CYS C 64 -39.25 5.93 -4.06
CA CYS C 64 -39.27 7.14 -3.24
C CYS C 64 -39.11 8.32 -4.17
N GLU C 65 -39.40 9.51 -3.64
CA GLU C 65 -39.43 10.66 -4.53
C GLU C 65 -38.02 11.00 -5.04
N PRO C 66 -36.98 11.06 -4.20
CA PRO C 66 -35.62 11.34 -4.72
C PRO C 66 -35.02 10.18 -5.44
N CYS C 67 -35.61 8.99 -5.33
CA CYS C 67 -35.00 7.82 -5.90
C CYS C 67 -34.82 8.06 -7.39
N GLN C 68 -33.74 7.51 -7.94
CA GLN C 68 -33.54 7.55 -9.37
C GLN C 68 -33.05 6.17 -9.80
N THR C 69 -33.72 5.62 -10.79
CA THR C 69 -33.46 4.29 -11.33
C THR C 69 -32.73 4.41 -12.66
N LEU C 70 -31.85 3.46 -12.91
CA LEU C 70 -30.96 3.51 -14.04
C LEU C 70 -30.72 2.10 -14.52
N ALA C 71 -30.55 1.96 -15.83
CA ALA C 71 -30.10 0.69 -16.35
C ALA C 71 -28.59 0.62 -16.27
N VAL C 72 -28.05 -0.59 -16.45
CA VAL C 72 -26.62 -0.77 -16.41
C VAL C 72 -26.22 -1.14 -17.81
N ARG C 73 -25.34 -0.31 -18.35
CA ARG C 73 -24.90 -0.54 -19.71
C ARG C 73 -23.78 -1.55 -19.80
N SER C 74 -22.83 -1.53 -18.86
CA SER C 74 -21.83 -2.60 -18.82
C SER C 74 -21.19 -2.66 -17.45
N TYR C 75 -20.36 -3.68 -17.27
CA TYR C 75 -19.58 -3.77 -16.05
C TYR C 75 -18.30 -4.54 -16.29
N ARG C 76 -17.31 -4.23 -15.46
CA ARG C 76 -15.99 -4.83 -15.56
C ARG C 76 -15.63 -5.40 -14.20
N LEU C 77 -15.40 -6.71 -14.15
CA LEU C 77 -14.81 -7.36 -13.00
C LEU C 77 -13.30 -7.23 -13.07
N HIS C 78 -12.66 -7.06 -11.91
CA HIS C 78 -11.20 -7.04 -11.92
C HIS C 78 -10.66 -8.33 -12.52
N GLU C 79 -9.73 -8.20 -13.46
CA GLU C 79 -9.18 -9.37 -14.15
C GLU C 79 -8.53 -10.38 -13.22
N ALA C 80 -8.13 -9.99 -12.02
CA ALA C 80 -7.44 -10.89 -11.12
C ALA C 80 -8.29 -11.32 -9.94
N PHE C 81 -9.58 -11.02 -9.95
CA PHE C 81 -10.47 -11.52 -8.92
C PHE C 81 -10.33 -13.04 -8.78
N SER C 82 -10.30 -13.52 -7.55
CA SER C 82 -10.35 -14.95 -7.33
C SER C 82 -11.58 -15.32 -6.52
N PRO C 83 -12.48 -16.15 -7.08
CA PRO C 83 -13.63 -16.64 -6.30
C PRO C 83 -13.25 -17.63 -5.22
N VAL C 84 -11.95 -17.93 -5.04
CA VAL C 84 -11.48 -18.84 -4.00
C VAL C 84 -10.90 -18.09 -2.80
N SER C 85 -9.91 -17.22 -3.05
CA SER C 85 -9.35 -16.37 -2.00
C SER C 85 -10.17 -15.11 -1.74
N TYR C 86 -11.08 -14.74 -2.66
CA TYR C 86 -11.75 -13.43 -2.73
C TYR C 86 -10.81 -12.24 -2.78
N GLN C 87 -9.57 -12.45 -3.21
CA GLN C 87 -8.65 -11.35 -3.48
C GLN C 87 -9.09 -10.58 -4.73
N HIS C 88 -8.79 -9.26 -4.75
CA HIS C 88 -9.10 -8.41 -5.90
C HIS C 88 -10.62 -8.33 -6.14
N ASP C 89 -11.35 -8.13 -5.04
CA ASP C 89 -12.82 -8.24 -5.06
C ASP C 89 -13.44 -6.86 -5.33
N LEU C 90 -13.36 -6.39 -6.59
CA LEU C 90 -14.04 -5.15 -6.94
C LEU C 90 -14.47 -5.17 -8.41
N ALA C 91 -15.48 -4.33 -8.73
CA ALA C 91 -16.04 -4.25 -10.06
C ALA C 91 -16.65 -2.87 -10.33
N LEU C 92 -16.59 -2.46 -11.59
CA LEU C 92 -17.14 -1.18 -12.01
C LEU C 92 -18.39 -1.39 -12.83
N LEU C 93 -19.43 -0.62 -12.53
CA LEU C 93 -20.65 -0.60 -13.29
C LEU C 93 -20.75 0.71 -14.05
N ARG C 94 -20.81 0.61 -15.37
CA ARG C 94 -21.07 1.76 -16.23
C ARG C 94 -22.58 1.87 -16.41
N LEU C 95 -23.16 2.94 -15.87
CA LEU C 95 -24.59 3.20 -15.95
C LEU C 95 -25.00 3.64 -17.35
N GLN C 96 -26.25 3.37 -17.67
CA GLN C 96 -26.81 3.73 -18.97
C GLN C 96 -27.28 5.17 -18.89
N GLU C 97 -26.79 6.00 -19.80
CA GLU C 97 -27.19 7.39 -19.91
C GLU C 97 -28.52 7.57 -20.62
N ASP C 98 -29.19 8.69 -20.31
CA ASP C 98 -30.45 9.06 -20.94
C ASP C 98 -30.17 9.87 -22.21
N ALA C 99 -31.23 10.43 -22.81
CA ALA C 99 -31.08 11.13 -24.09
C ALA C 99 -30.24 12.39 -23.97
N ASP C 100 -30.25 13.06 -22.82
CA ASP C 100 -29.37 14.20 -22.62
C ASP C 100 -27.92 13.80 -22.38
N GLY C 101 -27.60 12.51 -22.39
CA GLY C 101 -26.26 12.07 -22.08
C GLY C 101 -25.89 12.13 -20.61
N SER C 102 -26.88 12.28 -19.73
CA SER C 102 -26.66 12.29 -18.30
C SER C 102 -27.01 10.91 -17.74
N CYS C 103 -26.27 10.52 -16.71
CA CYS C 103 -26.71 9.37 -15.93
C CYS C 103 -27.33 9.88 -14.63
N ALA C 104 -26.57 9.79 -13.54
CA ALA C 104 -27.10 10.32 -12.28
C ALA C 104 -27.33 11.81 -12.38
N LEU C 105 -28.47 12.25 -11.86
CA LEU C 105 -28.86 13.66 -11.83
C LEU C 105 -28.59 14.09 -10.39
N LEU C 106 -27.50 14.78 -10.18
CA LEU C 106 -27.06 14.96 -8.81
C LEU C 106 -28.06 15.85 -8.09
N SER C 107 -28.16 15.65 -6.79
CA SER C 107 -29.05 16.42 -5.95
C SER C 107 -28.62 16.22 -4.51
N PRO C 108 -29.27 16.80 -3.51
CA PRO C 108 -28.81 16.56 -2.13
C PRO C 108 -28.85 15.11 -1.73
N TYR C 109 -29.62 14.27 -2.45
CA TYR C 109 -29.80 12.85 -2.16
C TYR C 109 -29.00 11.93 -3.09
N VAL C 110 -28.38 12.44 -4.14
CA VAL C 110 -27.62 11.65 -5.11
C VAL C 110 -26.33 12.37 -5.47
N GLN C 111 -25.20 11.87 -4.98
CA GLN C 111 -23.89 12.51 -5.20
C GLN C 111 -22.79 11.47 -5.11
N PRO C 112 -21.71 11.64 -5.86
CA PRO C 112 -20.62 10.67 -5.79
C PRO C 112 -19.85 10.82 -4.48
N VAL C 113 -19.21 9.74 -4.08
CA VAL C 113 -18.32 9.78 -2.94
C VAL C 113 -16.90 9.95 -3.46
N CYS C 114 -16.07 10.71 -2.74
CA CYS C 114 -14.68 10.85 -3.13
C CYS C 114 -13.88 9.55 -3.02
N LEU C 115 -13.03 9.31 -4.01
CA LEU C 115 -12.08 8.23 -3.93
C LEU C 115 -11.03 8.67 -2.93
N PRO C 116 -10.31 7.75 -2.28
CA PRO C 116 -9.37 8.20 -1.25
C PRO C 116 -8.19 8.96 -1.82
N SER C 117 -7.77 9.97 -1.05
CA SER C 117 -6.63 10.82 -1.38
C SER C 117 -5.33 10.04 -1.38
N GLY C 118 -5.18 9.13 -0.42
CA GLY C 118 -4.00 8.35 -0.26
C GLY C 118 -2.90 9.14 0.40
N ALA C 119 -3.15 10.41 0.68
CA ALA C 119 -2.39 11.16 1.67
C ALA C 119 -2.42 10.44 3.01
N ALA C 120 -3.58 10.43 3.68
CA ALA C 120 -3.66 9.80 5.00
C ALA C 120 -4.77 8.76 5.10
N ARG C 121 -5.07 8.32 6.32
CA ARG C 121 -5.82 7.10 6.59
C ARG C 121 -5.16 5.94 5.86
N CYS C 128 -14.36 5.49 10.96
CA CYS C 128 -15.13 5.25 9.74
C CYS C 128 -16.56 4.80 9.99
N GLN C 129 -17.40 5.05 8.98
CA GLN C 129 -18.80 4.63 8.93
C GLN C 129 -19.03 3.51 7.92
N VAL C 130 -19.73 2.45 8.33
CA VAL C 130 -20.12 1.38 7.41
C VAL C 130 -21.64 1.43 7.28
N ALA C 131 -22.14 1.11 6.10
CA ALA C 131 -23.56 1.29 5.84
C ALA C 131 -24.09 0.18 4.94
N GLY C 132 -25.37 -0.14 5.11
CA GLY C 132 -25.97 -1.17 4.29
C GLY C 132 -27.36 -1.51 4.76
N TRP C 133 -28.01 -2.37 3.97
CA TRP C 133 -29.38 -2.80 4.25
C TRP C 133 -29.42 -4.27 4.65
N GLY C 134 -28.27 -4.86 4.97
CA GLY C 134 -28.22 -6.26 5.27
C GLY C 134 -28.68 -6.59 6.68
N HIS C 135 -28.34 -7.80 7.07
CA HIS C 135 -28.76 -8.41 8.33
C HIS C 135 -28.22 -7.63 9.53
N GLN C 136 -29.10 -7.38 10.49
CA GLN C 136 -28.72 -6.66 11.70
C GLN C 136 -28.06 -7.56 12.75
N PHE C 137 -27.96 -8.87 12.46
CA PHE C 137 -27.27 -9.89 13.26
C PHE C 137 -27.12 -11.08 12.33
N GLU C 138 -26.20 -11.98 12.67
CA GLU C 138 -26.00 -13.10 11.76
C GLU C 138 -27.09 -14.15 11.94
N GLY C 139 -27.45 -14.80 10.83
CA GLY C 139 -28.65 -15.63 10.76
C GLY C 139 -29.98 -14.93 10.66
N ALA C 140 -30.01 -13.60 10.63
CA ALA C 140 -31.25 -12.83 10.47
C ALA C 140 -32.05 -13.29 9.27
N GLU C 141 -33.37 -13.21 9.44
CA GLU C 141 -34.35 -13.64 8.45
C GLU C 141 -34.49 -12.62 7.31
N GLU C 142 -34.67 -11.35 7.65
CA GLU C 142 -34.85 -10.38 6.58
C GLU C 142 -33.72 -9.34 6.57
N TYR C 143 -33.73 -8.55 5.49
CA TYR C 143 -32.93 -7.33 5.36
C TYR C 143 -33.43 -6.20 6.23
N ALA C 144 -32.53 -5.32 6.65
CA ALA C 144 -33.02 -4.13 7.32
C ALA C 144 -33.97 -3.45 6.34
N SER C 145 -34.91 -2.67 6.83
CA SER C 145 -35.65 -1.92 5.83
C SER C 145 -35.05 -0.54 5.63
N PHE C 146 -34.84 0.18 6.72
CA PHE C 146 -34.19 1.46 6.66
C PHE C 146 -32.66 1.24 6.59
N LEU C 147 -31.96 2.11 5.88
CA LEU C 147 -30.51 2.01 5.81
C LEU C 147 -29.87 2.14 7.18
N GLN C 148 -28.97 1.19 7.51
CA GLN C 148 -28.20 1.24 8.75
C GLN C 148 -26.81 1.76 8.49
N GLU C 149 -26.27 2.50 9.47
CA GLU C 149 -24.85 2.83 9.50
C GLU C 149 -24.34 2.63 10.91
N ALA C 150 -23.06 2.30 11.01
CA ALA C 150 -22.40 2.07 12.28
C ALA C 150 -20.97 2.56 12.14
N GLN C 151 -20.39 3.00 13.24
CA GLN C 151 -19.03 3.53 13.20
C GLN C 151 -18.05 2.42 13.58
N VAL C 152 -16.99 2.28 12.79
CA VAL C 152 -16.02 1.20 12.99
C VAL C 152 -14.61 1.73 12.76
N PRO C 153 -13.65 1.26 13.55
CA PRO C 153 -12.25 1.66 13.40
C PRO C 153 -11.51 0.84 12.37
N PHE C 154 -10.53 1.48 11.75
CA PHE C 154 -9.54 0.83 10.90
C PHE C 154 -8.71 -0.17 11.70
N LEU C 155 -8.21 -1.18 11.03
CA LEU C 155 -7.40 -2.23 11.66
C LEU C 155 -6.14 -2.43 10.84
N SER C 156 -4.99 -2.31 11.50
CA SER C 156 -3.73 -2.44 10.79
C SER C 156 -3.62 -3.85 10.23
N LEU C 157 -2.97 -3.97 9.08
CA LEU C 157 -2.88 -5.28 8.45
C LEU C 157 -2.15 -6.24 9.36
N GLU C 158 -1.10 -5.78 10.05
CA GLU C 158 -0.35 -6.64 10.96
C GLU C 158 -1.21 -7.20 12.10
N ARG C 159 -2.27 -6.49 12.48
CA ARG C 159 -3.10 -7.01 13.56
C ARG C 159 -4.31 -7.78 13.08
N CYS C 160 -4.76 -7.53 11.85
CA CYS C 160 -5.84 -8.30 11.25
C CYS C 160 -5.37 -9.65 10.78
N SER C 161 -4.17 -9.67 10.23
CA SER C 161 -3.44 -10.86 9.83
C SER C 161 -3.07 -11.80 10.98
N ALA C 162 -3.15 -11.38 12.24
CA ALA C 162 -2.60 -12.22 13.27
C ALA C 162 -3.38 -13.52 13.40
N PRO C 163 -2.73 -14.59 13.88
CA PRO C 163 -3.34 -15.93 13.79
C PRO C 163 -4.58 -16.12 14.66
N ASP C 164 -4.79 -15.29 15.68
CA ASP C 164 -6.01 -15.41 16.45
C ASP C 164 -7.16 -14.71 15.75
N VAL C 165 -6.85 -13.76 14.86
CA VAL C 165 -7.79 -12.94 14.09
C VAL C 165 -8.18 -13.62 12.78
N HIS C 166 -7.53 -13.25 11.67
CA HIS C 166 -7.87 -13.84 10.38
C HIS C 166 -6.74 -14.58 9.68
N GLY C 167 -5.49 -14.37 10.08
CA GLY C 167 -4.43 -15.24 9.62
C GLY C 167 -4.02 -15.05 8.16
N SER C 168 -3.67 -16.18 7.54
CA SER C 168 -3.22 -16.27 6.16
C SER C 168 -4.24 -15.80 5.13
N SER C 169 -5.50 -15.64 5.52
CA SER C 169 -6.55 -15.21 4.60
C SER C 169 -6.45 -13.76 4.15
N ILE C 170 -5.68 -12.93 4.83
CA ILE C 170 -5.66 -11.51 4.50
C ILE C 170 -4.58 -11.37 3.44
N LEU C 171 -4.99 -10.95 2.24
CA LEU C 171 -4.06 -10.90 1.14
C LEU C 171 -3.87 -9.47 0.67
N PRO C 172 -2.85 -9.20 -0.15
CA PRO C 172 -2.77 -7.90 -0.80
C PRO C 172 -4.07 -7.50 -1.49
N GLY C 173 -4.50 -6.26 -1.24
CA GLY C 173 -5.75 -5.71 -1.69
C GLY C 173 -6.89 -5.73 -0.68
N MET C 174 -6.75 -6.41 0.46
CA MET C 174 -7.79 -6.41 1.50
C MET C 174 -7.41 -5.49 2.65
N LEU C 175 -8.40 -5.17 3.47
CA LEU C 175 -8.24 -4.28 4.61
C LEU C 175 -9.32 -4.67 5.61
N CYS C 176 -9.09 -4.40 6.88
CA CYS C 176 -10.05 -4.79 7.90
C CYS C 176 -10.54 -3.60 8.73
N ALA C 177 -11.73 -3.77 9.32
CA ALA C 177 -12.30 -2.72 10.16
C ALA C 177 -13.24 -3.36 11.17
N GLY C 178 -13.17 -2.86 12.42
CA GLY C 178 -14.12 -3.21 13.45
C GLY C 178 -13.41 -3.46 14.78
N PHE C 179 -14.17 -3.66 15.85
CA PHE C 179 -13.62 -3.85 17.20
C PHE C 179 -13.20 -5.31 17.40
N LEU C 180 -11.93 -5.52 17.74
CA LEU C 180 -11.51 -6.86 18.21
C LEU C 180 -12.38 -7.42 19.33
N GLU C 181 -12.95 -6.55 20.17
CA GLU C 181 -13.92 -6.98 21.15
C GLU C 181 -15.20 -7.50 20.50
N GLY C 182 -15.42 -7.15 19.22
CA GLY C 182 -16.61 -7.49 18.45
C GLY C 182 -17.71 -6.44 18.56
N GLY C 183 -18.88 -6.81 18.02
CA GLY C 183 -20.12 -6.00 18.04
C GLY C 183 -20.58 -5.14 16.86
N THR C 184 -19.75 -4.42 16.11
CA THR C 184 -20.23 -3.57 15.02
C THR C 184 -19.53 -4.03 13.75
N ASP C 185 -20.32 -4.40 12.74
CA ASP C 185 -19.85 -5.04 11.51
C ASP C 185 -20.97 -5.07 10.48
N ALA C 186 -20.58 -5.22 9.22
CA ALA C 186 -21.40 -5.63 8.10
C ALA C 186 -21.70 -7.14 8.07
N CYS C 187 -22.80 -7.52 7.38
CA CYS C 187 -23.33 -8.89 7.25
C CYS C 187 -23.82 -9.18 5.86
N GLN C 188 -24.28 -10.44 5.72
CA GLN C 188 -24.93 -10.89 4.51
C GLN C 188 -25.97 -9.86 4.10
N GLY C 189 -25.95 -9.54 2.82
CA GLY C 189 -26.79 -8.52 2.24
C GLY C 189 -26.12 -7.17 2.17
N ASP C 190 -24.91 -7.02 2.73
CA ASP C 190 -24.19 -5.76 2.68
C ASP C 190 -23.06 -5.74 1.64
N SER C 191 -22.91 -6.77 0.82
CA SER C 191 -21.80 -6.81 -0.15
C SER C 191 -21.87 -5.66 -1.14
N GLY C 192 -20.71 -5.10 -1.42
CA GLY C 192 -20.53 -3.97 -2.29
C GLY C 192 -20.79 -2.68 -1.58
N GLY C 193 -21.06 -2.77 -0.29
CA GLY C 193 -21.34 -1.66 0.59
C GLY C 193 -20.12 -0.82 0.83
N PRO C 194 -20.34 0.46 1.08
CA PRO C 194 -19.25 1.40 1.33
C PRO C 194 -18.72 1.56 2.75
N LEU C 195 -17.39 1.57 2.86
CA LEU C 195 -16.71 1.84 4.12
C LEU C 195 -16.20 3.24 3.85
N VAL C 196 -16.69 4.21 4.63
CA VAL C 196 -16.39 5.62 4.47
C VAL C 196 -15.65 6.20 5.66
N CYS C 197 -14.52 6.87 5.40
CA CYS C 197 -13.58 7.30 6.43
C CYS C 197 -13.35 8.78 6.17
N ARG C 205 -15.25 15.95 4.12
CA ARG C 205 -13.97 15.27 4.20
C ARG C 205 -14.13 13.74 4.33
N LEU C 206 -15.08 13.20 3.55
CA LEU C 206 -15.52 11.80 3.60
C LEU C 206 -15.16 11.06 2.32
N THR C 207 -14.39 9.98 2.44
CA THR C 207 -14.03 9.24 1.23
C THR C 207 -14.21 7.74 1.41
N LEU C 208 -14.45 7.08 0.27
CA LEU C 208 -14.58 5.64 0.16
C LEU C 208 -13.24 4.93 0.31
N GLN C 209 -13.06 4.17 1.40
CA GLN C 209 -11.80 3.49 1.58
C GLN C 209 -11.93 1.98 1.59
N GLY C 210 -13.13 1.43 1.72
CA GLY C 210 -13.32 0.00 1.64
C GLY C 210 -14.61 -0.33 0.91
N ILE C 211 -14.64 -1.53 0.35
CA ILE C 211 -15.84 -2.13 -0.20
C ILE C 211 -16.15 -3.38 0.61
N ILE C 212 -17.39 -3.48 1.08
CA ILE C 212 -17.79 -4.62 1.91
C ILE C 212 -17.63 -5.90 1.12
N SER C 213 -16.77 -6.80 1.61
CA SER C 213 -16.42 -8.01 0.89
C SER C 213 -16.84 -9.27 1.63
N TRP C 214 -16.22 -9.59 2.78
CA TRP C 214 -16.50 -10.82 3.51
C TRP C 214 -16.04 -10.69 4.95
N GLY C 215 -16.35 -11.71 5.75
CA GLY C 215 -15.81 -11.81 7.09
C GLY C 215 -16.08 -13.22 7.60
N SER C 216 -16.10 -13.40 8.92
CA SER C 216 -16.51 -14.72 9.45
C SER C 216 -17.45 -14.40 10.60
N GLY C 217 -18.73 -14.31 10.27
CA GLY C 217 -19.72 -14.17 11.28
C GLY C 217 -19.74 -12.72 11.69
N CYS C 218 -20.90 -12.12 11.60
CA CYS C 218 -21.10 -10.71 11.82
C CYS C 218 -20.60 -10.19 13.17
N GLY C 219 -19.44 -9.56 13.21
CA GLY C 219 -19.09 -8.85 14.43
C GLY C 219 -18.65 -9.69 15.59
N ASP C 220 -18.30 -10.93 15.32
CA ASP C 220 -17.86 -11.82 16.38
C ASP C 220 -16.59 -11.26 17.05
N ARG C 221 -16.30 -11.75 18.25
CA ARG C 221 -15.09 -11.31 18.92
C ARG C 221 -13.91 -11.80 18.09
N ASN C 222 -12.90 -10.95 17.98
CA ASN C 222 -11.63 -11.22 17.32
C ASN C 222 -11.77 -11.40 15.81
N LYS C 223 -12.92 -11.03 15.22
CA LYS C 223 -13.20 -11.21 13.79
C LYS C 223 -13.71 -9.90 13.20
N PRO C 224 -12.80 -8.99 12.84
CA PRO C 224 -13.23 -7.77 12.13
C PRO C 224 -13.71 -8.10 10.73
N GLY C 225 -14.48 -7.18 10.15
CA GLY C 225 -14.88 -7.36 8.76
C GLY C 225 -13.73 -7.13 7.79
N VAL C 226 -13.77 -7.84 6.67
CA VAL C 226 -12.80 -7.75 5.59
C VAL C 226 -13.42 -7.05 4.39
N TYR C 227 -12.69 -6.06 3.87
CA TYR C 227 -13.14 -5.16 2.82
C TYR C 227 -12.10 -5.16 1.70
N THR C 228 -12.53 -4.86 0.48
CA THR C 228 -11.55 -4.53 -0.55
C THR C 228 -10.98 -3.12 -0.27
N ASP C 229 -9.65 -3.00 -0.26
CA ASP C 229 -8.95 -1.75 0.03
C ASP C 229 -8.91 -0.87 -1.22
N VAL C 230 -9.77 0.16 -1.25
CA VAL C 230 -10.01 0.93 -2.47
C VAL C 230 -8.74 1.70 -2.89
N ALA C 231 -8.02 2.28 -1.91
CA ALA C 231 -6.78 2.96 -2.24
C ALA C 231 -5.77 2.07 -2.96
N TYR C 232 -5.76 0.78 -2.64
CA TYR C 232 -4.85 -0.16 -3.30
C TYR C 232 -5.12 -0.23 -4.80
N TYR C 233 -6.33 0.12 -5.22
CA TYR C 233 -6.75 -0.09 -6.59
C TYR C 233 -6.98 1.23 -7.32
N LEU C 234 -6.43 2.34 -6.80
CA LEU C 234 -6.70 3.62 -7.46
C LEU C 234 -6.34 3.58 -8.93
N ALA C 235 -5.16 3.07 -9.26
CA ALA C 235 -4.75 3.10 -10.65
C ALA C 235 -5.70 2.31 -11.53
N TRP C 236 -6.13 1.15 -11.06
CA TRP C 236 -7.06 0.35 -11.84
C TRP C 236 -8.37 1.10 -12.03
N ILE C 237 -8.83 1.74 -10.96
CA ILE C 237 -10.07 2.48 -11.02
C ILE C 237 -9.95 3.67 -11.97
N ARG C 238 -8.86 4.46 -11.87
CA ARG C 238 -8.70 5.53 -12.84
C ARG C 238 -8.66 5.00 -14.27
N GLU C 239 -7.91 3.92 -14.50
CA GLU C 239 -7.72 3.48 -15.86
C GLU C 239 -9.03 3.01 -16.47
N HIS C 240 -9.85 2.28 -15.72
CA HIS C 240 -11.08 1.75 -16.26
C HIS C 240 -12.30 2.63 -15.97
N THR C 241 -12.08 3.88 -15.55
CA THR C 241 -13.15 4.84 -15.28
C THR C 241 -13.22 6.00 -16.25
N VAL C 242 -12.18 6.25 -17.05
CA VAL C 242 -12.36 7.05 -18.23
C VAL C 242 -13.40 6.38 -19.14
N PHE D 2 -15.00 -20.54 9.79
CA PHE D 2 -15.64 -20.60 8.47
C PHE D 2 -15.87 -19.17 8.03
N ALA D 3 -15.78 -18.88 6.73
CA ALA D 3 -15.93 -17.51 6.27
C ALA D 3 -16.84 -17.44 5.05
N TYR D 4 -17.82 -16.54 5.10
CA TYR D 4 -18.78 -16.32 4.02
C TYR D 4 -18.81 -14.86 3.61
N ASP D 5 -19.51 -14.57 2.52
CA ASP D 5 -19.24 -13.38 1.72
C ASP D 5 -20.34 -12.33 1.77
N ARG D 6 -21.01 -12.16 2.92
CA ARG D 6 -21.80 -10.95 3.19
C ARG D 6 -22.91 -10.69 2.15
N ARG D 7 -23.36 -11.72 1.44
CA ARG D 7 -24.32 -11.57 0.37
C ARG D 7 -25.58 -12.37 0.79
N LEU D 9 -27.74 -14.67 -1.37
CA LEU D 9 -26.97 -15.77 -1.96
C LEU D 9 -25.48 -15.68 -1.59
N SER D 10 -25.08 -16.41 -0.56
CA SER D 10 -23.77 -16.28 0.06
C SER D 10 -22.93 -17.51 -0.20
N ASN D 11 -21.70 -17.30 -0.64
CA ASN D 11 -20.72 -18.35 -0.92
C ASN D 11 -19.61 -18.33 0.11
N ASN D 12 -18.95 -19.49 0.25
CA ASN D 12 -17.90 -19.72 1.24
C ASN D 12 -16.61 -19.08 0.82
N ARG D 14 -13.04 -20.11 0.60
CA ARG D 14 -12.84 -21.53 0.42
C ARG D 14 -11.78 -22.10 1.39
N ASN D 15 -10.55 -21.60 1.28
CA ASN D 15 -9.44 -22.09 2.10
C ASN D 15 -9.31 -21.36 3.43
N TYR D 16 -10.41 -20.91 4.02
CA TYR D 16 -10.37 -20.24 5.32
C TYR D 16 -10.80 -21.25 6.37
N GLY D 18 -9.56 -24.37 7.27
CA GLY D 18 -9.72 -25.70 6.69
C GLY D 18 -9.08 -25.80 5.31
#